data_1KPI
#
_entry.id   1KPI
#
_cell.length_a   106.710
_cell.length_b   106.710
_cell.length_c   227.498
_cell.angle_alpha   90.00
_cell.angle_beta   90.00
_cell.angle_gamma   90.00
#
_symmetry.space_group_name_H-M   'I 41 2 2'
#
loop_
_entity.id
_entity.type
_entity.pdbx_description
1 polymer 'CYCLOPROPANE-FATTY-ACYL-PHOSPHOLIPID SYNTHASE 2'
2 non-polymer 'CARBONATE ION'
3 non-polymer 'SULFATE ION'
4 non-polymer S-ADENOSYL-L-HOMOCYSTEINE
5 non-polymer DIDECYL-DIMETHYL-AMMONIUM
6 water water
#
_entity_poly.entity_id   1
_entity_poly.type   'polypeptide(L)'
_entity_poly.pdbx_seq_one_letter_code
;MTSQGDTTSGTQLKPPVEAVRSHYDKSNEFFKLWLDPSMTYSCAYFERPDMTLEEAQYAKRKLALDKLNLEPGMTLLDIG
CGWGSTMRHAVAEYDVNVIGLTLSENQYAHDKAMFDEVDSPRRKEVRIQGWEEFDEPVDRIVSLGAFEHFADGAGDAGFE
RYDTFFKKFYNLTPDDGRMLLHTITIPDKEEAQELGLTSPMSLLRFIKFILTEIFPGGRLPRISQVDYYSSNAGWKVERY
HRIGANYVPTLNAWADALQAHKDEAIALKGQETCDIYMHYLRGCSDLFRDKYTDVCQFTLVK
;
_entity_poly.pdbx_strand_id   A
#
loop_
_chem_comp.id
_chem_comp.type
_chem_comp.name
_chem_comp.formula
10A non-polymer DIDECYL-DIMETHYL-AMMONIUM 'C22 H48 N 1'
CO3 non-polymer 'CARBONATE ION' 'C O3 -2'
SO4 non-polymer 'SULFATE ION' 'O4 S -2'
#
# COMPACT_ATOMS: atom_id res chain seq x y z
N GLN A 12 -3.69 -9.35 22.73
CA GLN A 12 -3.51 -9.29 21.25
C GLN A 12 -3.71 -7.87 20.72
N LEU A 13 -3.26 -7.60 19.50
CA LEU A 13 -3.38 -6.28 18.90
C LEU A 13 -4.75 -5.94 18.31
N LYS A 14 -5.03 -4.64 18.25
CA LYS A 14 -6.30 -4.12 17.76
C LYS A 14 -6.16 -3.28 16.49
N PRO A 15 -6.74 -3.76 15.38
CA PRO A 15 -6.69 -3.05 14.10
C PRO A 15 -7.22 -1.60 14.16
N PRO A 16 -6.62 -0.68 13.38
CA PRO A 16 -7.00 0.74 13.31
C PRO A 16 -8.19 0.91 12.37
N VAL A 17 -9.38 0.45 12.77
CA VAL A 17 -10.55 0.53 11.92
C VAL A 17 -11.07 1.92 11.57
N GLU A 18 -11.39 2.74 12.56
CA GLU A 18 -11.91 4.07 12.27
C GLU A 18 -10.89 4.92 11.51
N ALA A 19 -9.63 4.83 11.92
CA ALA A 19 -8.58 5.59 11.27
C ALA A 19 -8.48 5.19 9.78
N VAL A 20 -8.49 3.89 9.52
CA VAL A 20 -8.38 3.42 8.15
C VAL A 20 -9.63 3.74 7.32
N ARG A 21 -10.81 3.51 7.91
CA ARG A 21 -12.07 3.79 7.21
C ARG A 21 -12.34 5.27 6.93
N SER A 22 -11.76 6.14 7.75
CA SER A 22 -11.96 7.58 7.56
C SER A 22 -11.49 8.01 6.17
N HIS A 23 -10.53 7.27 5.62
CA HIS A 23 -10.00 7.59 4.30
C HIS A 23 -10.60 6.69 3.21
N TYR A 24 -10.24 5.42 3.25
CA TYR A 24 -10.68 4.45 2.25
C TYR A 24 -12.15 4.22 2.00
N ASP A 25 -13.02 4.63 2.90
CA ASP A 25 -14.45 4.43 2.66
C ASP A 25 -15.11 5.75 2.29
N LYS A 26 -14.31 6.67 1.73
CA LYS A 26 -14.80 7.98 1.34
C LYS A 26 -15.91 7.91 0.28
N SER A 27 -15.75 6.99 -0.67
CA SER A 27 -16.68 6.75 -1.78
C SER A 27 -15.93 6.13 -2.96
N ASN A 28 -16.34 4.92 -3.34
CA ASN A 28 -15.71 4.23 -4.46
C ASN A 28 -15.84 5.00 -5.78
N GLU A 29 -17.02 5.56 -6.02
CA GLU A 29 -17.26 6.31 -7.26
C GLU A 29 -16.23 7.44 -7.36
N PHE A 30 -15.99 8.07 -6.23
CA PHE A 30 -15.04 9.17 -6.09
C PHE A 30 -13.62 8.72 -6.46
N PHE A 31 -13.12 7.69 -5.79
CA PHE A 31 -11.78 7.17 -6.05
C PHE A 31 -11.62 6.74 -7.50
N LYS A 32 -12.69 6.22 -8.09
CA LYS A 32 -12.67 5.76 -9.46
C LYS A 32 -12.39 6.92 -10.42
N LEU A 33 -12.98 8.08 -10.13
CA LEU A 33 -12.81 9.26 -10.96
C LEU A 33 -11.37 9.59 -11.28
N TRP A 34 -10.47 9.41 -10.31
CA TRP A 34 -9.07 9.72 -10.57
C TRP A 34 -8.05 8.59 -10.57
N LEU A 35 -8.39 7.42 -10.02
CA LEU A 35 -7.44 6.30 -10.03
C LEU A 35 -7.43 5.63 -11.40
N ASP A 36 -6.42 4.80 -11.68
CA ASP A 36 -6.39 4.14 -12.98
C ASP A 36 -7.56 3.16 -13.02
N PRO A 37 -7.80 2.50 -14.17
CA PRO A 37 -8.93 1.57 -14.22
C PRO A 37 -8.94 0.44 -13.17
N SER A 38 -7.77 -0.03 -12.76
CA SER A 38 -7.71 -1.11 -11.78
C SER A 38 -7.79 -0.60 -10.35
N MET A 39 -7.91 0.72 -10.20
CA MET A 39 -7.99 1.35 -8.87
C MET A 39 -6.84 0.98 -7.96
N THR A 40 -5.65 0.77 -8.54
CA THR A 40 -4.46 0.44 -7.77
C THR A 40 -4.10 1.74 -7.04
N TYR A 41 -3.96 1.66 -5.73
CA TYR A 41 -3.71 2.86 -4.93
C TYR A 41 -2.37 2.86 -4.19
N SER A 42 -1.29 2.68 -4.92
CA SER A 42 0.05 2.71 -4.36
C SER A 42 1.02 3.11 -5.48
N CYS A 43 2.26 3.43 -5.10
CA CYS A 43 3.27 3.86 -6.07
C CYS A 43 3.33 3.01 -7.33
N ALA A 44 3.11 3.63 -8.48
CA ALA A 44 3.16 2.91 -9.74
C ALA A 44 4.61 2.63 -10.10
N TYR A 45 4.83 1.87 -11.14
CA TYR A 45 6.19 1.53 -11.55
C TYR A 45 6.35 1.66 -13.06
N PHE A 46 7.00 2.75 -13.48
CA PHE A 46 7.21 2.98 -14.90
C PHE A 46 8.48 2.29 -15.36
N GLU A 47 8.35 0.99 -15.60
CA GLU A 47 9.44 0.14 -16.05
C GLU A 47 9.94 0.57 -17.44
N ARG A 48 9.08 1.25 -18.19
CA ARG A 48 9.41 1.77 -19.52
C ARG A 48 8.82 3.17 -19.63
N PRO A 49 9.60 4.12 -20.17
CA PRO A 49 9.20 5.52 -20.35
C PRO A 49 7.83 5.80 -20.96
N ASP A 50 7.32 4.90 -21.79
CA ASP A 50 6.03 5.18 -22.45
C ASP A 50 4.78 4.56 -21.86
N MET A 51 4.87 4.03 -20.65
CA MET A 51 3.70 3.43 -20.02
C MET A 51 2.70 4.46 -19.53
N THR A 52 1.43 4.09 -19.58
CA THR A 52 0.36 4.94 -19.07
C THR A 52 0.31 4.59 -17.58
N LEU A 53 -0.47 5.35 -16.81
CA LEU A 53 -0.58 5.04 -15.38
C LEU A 53 -1.00 3.58 -15.24
N GLU A 54 -2.06 3.22 -15.95
CA GLU A 54 -2.60 1.86 -15.91
C GLU A 54 -1.59 0.77 -16.25
N GLU A 55 -0.69 1.04 -17.18
CA GLU A 55 0.31 0.04 -17.55
C GLU A 55 1.43 0.02 -16.53
N ALA A 56 1.66 1.17 -15.90
CA ALA A 56 2.69 1.28 -14.88
C ALA A 56 2.25 0.52 -13.61
N GLN A 57 0.95 0.60 -13.32
CA GLN A 57 0.40 -0.10 -12.17
C GLN A 57 0.55 -1.60 -12.40
N TYR A 58 0.18 -2.06 -13.59
CA TYR A 58 0.32 -3.47 -13.91
C TYR A 58 1.79 -3.86 -13.75
N ALA A 59 2.68 -3.00 -14.24
CA ALA A 59 4.12 -3.23 -14.15
C ALA A 59 4.56 -3.31 -12.69
N LYS A 60 3.96 -2.48 -11.85
CA LYS A 60 4.29 -2.48 -10.43
C LYS A 60 3.84 -3.79 -9.78
N ARG A 61 2.61 -4.22 -10.09
CA ARG A 61 2.05 -5.46 -9.54
C ARG A 61 2.93 -6.64 -9.96
N LYS A 62 3.29 -6.66 -11.24
CA LYS A 62 4.13 -7.73 -11.77
C LYS A 62 5.50 -7.77 -11.11
N LEU A 63 6.09 -6.60 -10.92
CA LEU A 63 7.39 -6.46 -10.29
C LEU A 63 7.38 -7.15 -8.92
N ALA A 64 6.34 -6.85 -8.14
CA ALA A 64 6.20 -7.42 -6.80
C ALA A 64 5.96 -8.92 -6.84
N LEU A 65 4.97 -9.33 -7.63
CA LEU A 65 4.61 -10.75 -7.72
C LEU A 65 5.70 -11.66 -8.27
N ASP A 66 6.46 -11.20 -9.27
CA ASP A 66 7.53 -12.05 -9.83
C ASP A 66 8.60 -12.39 -8.80
N LYS A 67 8.67 -11.62 -7.72
CA LYS A 67 9.66 -11.84 -6.68
C LYS A 67 9.25 -12.92 -5.67
N LEU A 68 7.98 -13.30 -5.67
CA LEU A 68 7.52 -14.31 -4.73
C LEU A 68 7.73 -15.74 -5.24
N ASN A 69 8.19 -15.85 -6.49
CA ASN A 69 8.45 -17.16 -7.11
C ASN A 69 7.25 -18.07 -6.87
N LEU A 70 6.10 -17.58 -7.33
CA LEU A 70 4.82 -18.28 -7.18
C LEU A 70 4.61 -19.41 -8.18
N GLU A 71 4.15 -20.55 -7.68
CA GLU A 71 3.85 -21.70 -8.51
C GLU A 71 2.34 -21.88 -8.44
N PRO A 72 1.73 -22.50 -9.47
CA PRO A 72 0.28 -22.69 -9.46
C PRO A 72 -0.19 -23.53 -8.27
N GLY A 73 -1.34 -23.18 -7.72
CA GLY A 73 -1.85 -23.92 -6.59
C GLY A 73 -1.52 -23.30 -5.24
N MET A 74 -0.44 -22.53 -5.17
CA MET A 74 -0.08 -21.89 -3.90
C MET A 74 -1.17 -20.92 -3.44
N THR A 75 -1.12 -20.60 -2.16
CA THR A 75 -2.06 -19.66 -1.58
C THR A 75 -1.30 -18.38 -1.29
N LEU A 76 -1.71 -17.31 -1.97
CA LEU A 76 -1.12 -16.00 -1.81
C LEU A 76 -1.98 -15.15 -0.88
N LEU A 77 -1.30 -14.42 -0.01
CA LEU A 77 -1.97 -13.54 0.94
C LEU A 77 -1.63 -12.09 0.62
N ASP A 78 -2.66 -11.29 0.36
CA ASP A 78 -2.48 -9.87 0.05
C ASP A 78 -2.91 -9.10 1.31
N ILE A 79 -1.95 -8.60 2.08
CA ILE A 79 -2.28 -7.85 3.30
C ILE A 79 -2.59 -6.38 2.98
N GLY A 80 -3.87 -6.02 3.05
CA GLY A 80 -4.28 -4.65 2.73
C GLY A 80 -4.45 -4.60 1.23
N CYS A 81 -5.43 -5.35 0.73
CA CYS A 81 -5.71 -5.48 -0.70
C CYS A 81 -6.45 -4.34 -1.43
N GLY A 82 -6.76 -3.26 -0.73
CA GLY A 82 -7.44 -2.14 -1.36
C GLY A 82 -8.58 -2.56 -2.29
N TRP A 83 -8.56 -2.07 -3.53
CA TRP A 83 -9.62 -2.41 -4.46
C TRP A 83 -9.37 -3.64 -5.32
N GLY A 84 -8.66 -4.61 -4.73
CA GLY A 84 -8.40 -5.89 -5.38
C GLY A 84 -7.50 -6.16 -6.57
N SER A 85 -6.99 -5.11 -7.24
CA SER A 85 -6.13 -5.31 -8.41
C SER A 85 -5.04 -6.40 -8.27
N THR A 86 -4.31 -6.39 -7.16
CA THR A 86 -3.25 -7.36 -6.98
C THR A 86 -3.77 -8.78 -6.90
N MET A 87 -4.89 -8.96 -6.23
CA MET A 87 -5.48 -10.29 -6.11
C MET A 87 -5.87 -10.79 -7.50
N ARG A 88 -6.64 -9.96 -8.20
CA ARG A 88 -7.10 -10.29 -9.54
C ARG A 88 -5.95 -10.61 -10.48
N HIS A 89 -4.88 -9.83 -10.37
CA HIS A 89 -3.71 -10.02 -11.21
C HIS A 89 -2.96 -11.31 -10.84
N ALA A 90 -2.85 -11.59 -9.55
CA ALA A 90 -2.15 -12.77 -9.05
C ALA A 90 -2.75 -14.08 -9.57
N VAL A 91 -4.06 -14.17 -9.55
CA VAL A 91 -4.75 -15.36 -10.00
C VAL A 91 -4.61 -15.50 -11.51
N ALA A 92 -4.99 -14.45 -12.22
CA ALA A 92 -4.92 -14.45 -13.68
C ALA A 92 -3.56 -14.72 -14.29
N GLU A 93 -2.48 -14.25 -13.67
CA GLU A 93 -1.16 -14.45 -14.24
C GLU A 93 -0.30 -15.54 -13.61
N TYR A 94 -0.66 -16.02 -12.42
CA TYR A 94 0.18 -17.05 -11.81
C TYR A 94 -0.62 -18.29 -11.41
N ASP A 95 -1.95 -18.18 -11.52
CA ASP A 95 -2.84 -19.29 -11.19
C ASP A 95 -2.70 -19.77 -9.76
N VAL A 96 -2.73 -18.84 -8.81
CA VAL A 96 -2.62 -19.20 -7.40
C VAL A 96 -3.94 -18.86 -6.73
N ASN A 97 -4.08 -19.28 -5.48
CA ASN A 97 -5.29 -18.97 -4.70
C ASN A 97 -4.94 -17.69 -3.95
N VAL A 98 -5.91 -16.79 -3.78
CA VAL A 98 -5.62 -15.56 -3.05
C VAL A 98 -6.60 -15.20 -1.95
N ILE A 99 -6.06 -14.73 -0.82
CA ILE A 99 -6.85 -14.27 0.31
C ILE A 99 -6.48 -12.81 0.49
N GLY A 100 -7.47 -11.94 0.51
CA GLY A 100 -7.17 -10.53 0.66
C GLY A 100 -7.73 -9.96 1.95
N LEU A 101 -6.88 -9.21 2.66
CA LEU A 101 -7.23 -8.55 3.92
C LEU A 101 -7.42 -7.04 3.75
N THR A 102 -8.44 -6.49 4.39
CA THR A 102 -8.70 -5.06 4.33
C THR A 102 -9.64 -4.66 5.47
N LEU A 103 -9.63 -3.38 5.85
CA LEU A 103 -10.49 -2.93 6.92
C LEU A 103 -11.58 -2.03 6.32
N SER A 104 -11.49 -1.80 5.02
CA SER A 104 -12.46 -0.97 4.32
C SER A 104 -13.73 -1.74 3.92
N GLU A 105 -14.88 -1.13 4.17
CA GLU A 105 -16.15 -1.75 3.84
C GLU A 105 -16.47 -1.62 2.34
N ASN A 106 -16.12 -0.47 1.76
CA ASN A 106 -16.35 -0.24 0.34
C ASN A 106 -15.42 -1.08 -0.51
N GLN A 107 -14.19 -1.27 -0.05
CA GLN A 107 -13.24 -2.06 -0.81
C GLN A 107 -13.71 -3.51 -0.77
N TYR A 108 -14.20 -3.93 0.40
CA TYR A 108 -14.70 -5.29 0.57
C TYR A 108 -15.86 -5.49 -0.39
N ALA A 109 -16.83 -4.58 -0.33
CA ALA A 109 -18.01 -4.64 -1.19
C ALA A 109 -17.62 -4.67 -2.67
N HIS A 110 -16.69 -3.79 -3.03
CA HIS A 110 -16.20 -3.69 -4.41
C HIS A 110 -15.49 -4.95 -4.87
N ASP A 111 -14.66 -5.53 -4.01
CA ASP A 111 -13.91 -6.71 -4.40
C ASP A 111 -14.75 -7.97 -4.44
N LYS A 112 -15.70 -8.05 -3.51
CA LYS A 112 -16.60 -9.19 -3.42
C LYS A 112 -17.35 -9.30 -4.75
N ALA A 113 -17.72 -8.16 -5.30
CA ALA A 113 -18.43 -8.09 -6.56
C ALA A 113 -17.50 -8.27 -7.76
N MET A 114 -16.34 -7.65 -7.71
CA MET A 114 -15.38 -7.74 -8.80
C MET A 114 -14.97 -9.18 -9.05
N PHE A 115 -14.81 -9.95 -7.99
CA PHE A 115 -14.41 -11.35 -8.13
C PHE A 115 -15.52 -12.19 -8.72
N ASP A 116 -16.76 -11.81 -8.39
CA ASP A 116 -17.94 -12.51 -8.89
C ASP A 116 -18.06 -12.46 -10.41
N GLU A 117 -17.58 -11.38 -11.01
CA GLU A 117 -17.64 -11.19 -12.46
C GLU A 117 -17.01 -12.35 -13.24
N VAL A 118 -15.72 -12.59 -13.04
CA VAL A 118 -15.05 -13.69 -13.75
C VAL A 118 -14.89 -14.89 -12.83
N ASP A 119 -15.28 -16.05 -13.34
CA ASP A 119 -15.22 -17.31 -12.62
C ASP A 119 -13.92 -18.05 -12.91
N SER A 120 -13.29 -18.55 -11.85
CA SER A 120 -12.04 -19.28 -11.97
C SER A 120 -11.97 -20.38 -10.92
N PRO A 121 -11.26 -21.48 -11.24
CA PRO A 121 -11.10 -22.62 -10.32
C PRO A 121 -10.58 -22.18 -8.95
N ARG A 122 -9.47 -21.44 -8.97
CA ARG A 122 -8.82 -20.93 -7.77
C ARG A 122 -9.70 -20.08 -6.84
N ARG A 123 -9.25 -19.92 -5.60
CA ARG A 123 -9.97 -19.14 -4.59
C ARG A 123 -9.65 -17.65 -4.63
N LYS A 124 -10.70 -16.84 -4.55
CA LYS A 124 -10.58 -15.38 -4.56
C LYS A 124 -11.30 -14.85 -3.32
N GLU A 125 -10.63 -14.86 -2.17
CA GLU A 125 -11.26 -14.40 -0.93
C GLU A 125 -10.87 -13.03 -0.45
N VAL A 126 -11.86 -12.21 -0.11
CA VAL A 126 -11.60 -10.89 0.43
C VAL A 126 -12.30 -10.82 1.79
N ARG A 127 -11.58 -10.38 2.81
CA ARG A 127 -12.15 -10.30 4.15
C ARG A 127 -11.99 -8.94 4.81
N ILE A 128 -12.89 -8.63 5.74
CA ILE A 128 -12.77 -7.39 6.49
C ILE A 128 -12.11 -7.87 7.79
N GLN A 129 -10.81 -8.19 7.69
CA GLN A 129 -10.03 -8.70 8.81
C GLN A 129 -8.61 -8.10 8.84
N GLY A 130 -8.20 -7.61 10.00
CA GLY A 130 -6.88 -7.03 10.14
C GLY A 130 -5.77 -8.06 10.19
N TRP A 131 -4.55 -7.67 9.81
CA TRP A 131 -3.42 -8.59 9.83
C TRP A 131 -3.19 -9.08 11.26
N GLU A 132 -3.58 -8.27 12.23
CA GLU A 132 -3.41 -8.60 13.64
C GLU A 132 -4.22 -9.81 14.06
N GLU A 133 -5.26 -10.13 13.28
CA GLU A 133 -6.14 -11.23 13.58
C GLU A 133 -6.00 -12.41 12.62
N PHE A 134 -5.13 -12.31 11.63
CA PHE A 134 -4.99 -13.41 10.68
C PHE A 134 -4.24 -14.58 11.33
N ASP A 135 -4.73 -15.80 11.11
CA ASP A 135 -4.12 -16.97 11.72
C ASP A 135 -4.09 -18.24 10.84
N GLU A 136 -3.85 -18.08 9.54
CA GLU A 136 -3.82 -19.23 8.63
C GLU A 136 -2.48 -19.43 7.91
N PRO A 137 -2.18 -20.66 7.50
CA PRO A 137 -0.93 -20.99 6.80
C PRO A 137 -1.05 -20.56 5.34
N VAL A 138 -0.07 -19.82 4.87
CA VAL A 138 -0.05 -19.34 3.50
C VAL A 138 1.34 -19.53 2.96
N ASP A 139 1.46 -19.66 1.63
CA ASP A 139 2.75 -19.88 0.99
C ASP A 139 3.57 -18.61 0.79
N ARG A 140 2.95 -17.59 0.19
CA ARG A 140 3.62 -16.32 -0.08
C ARG A 140 2.78 -15.13 0.38
N ILE A 141 3.44 -14.02 0.68
CA ILE A 141 2.76 -12.81 1.15
C ILE A 141 3.14 -11.56 0.34
N VAL A 142 2.15 -10.70 0.10
CA VAL A 142 2.40 -9.46 -0.61
C VAL A 142 1.63 -8.34 0.08
N SER A 143 2.29 -7.21 0.28
CA SER A 143 1.66 -6.06 0.92
C SER A 143 2.17 -4.81 0.23
N LEU A 144 1.27 -4.08 -0.43
CA LEU A 144 1.65 -2.86 -1.14
C LEU A 144 0.93 -1.64 -0.57
N GLY A 145 1.67 -0.75 0.07
CA GLY A 145 1.08 0.47 0.61
C GLY A 145 0.10 0.33 1.76
N ALA A 146 0.26 -0.73 2.55
CA ALA A 146 -0.62 -0.93 3.70
C ALA A 146 0.21 -0.82 4.97
N PHE A 147 1.50 -1.11 4.84
CA PHE A 147 2.43 -1.09 5.95
C PHE A 147 2.45 0.24 6.73
N GLU A 148 2.25 1.35 6.02
CA GLU A 148 2.24 2.67 6.66
C GLU A 148 1.15 2.82 7.72
N HIS A 149 0.21 1.88 7.76
CA HIS A 149 -0.87 1.91 8.75
C HIS A 149 -0.59 0.93 9.89
N PHE A 150 0.32 -0.03 9.66
CA PHE A 150 0.63 -1.07 10.64
C PHE A 150 1.18 -0.69 12.01
N ALA A 151 1.75 0.51 12.14
CA ALA A 151 2.27 0.97 13.42
C ALA A 151 1.14 1.70 14.16
N ASP A 152 -0.05 1.68 13.56
CA ASP A 152 -1.21 2.30 14.17
C ASP A 152 -2.19 1.21 14.64
N GLY A 153 -2.93 1.49 15.70
CA GLY A 153 -3.88 0.51 16.22
C GLY A 153 -4.97 1.17 17.02
N ALA A 154 -6.06 0.46 17.27
CA ALA A 154 -7.15 1.02 18.05
C ALA A 154 -6.73 1.08 19.51
N GLY A 155 -5.89 2.05 19.86
CA GLY A 155 -5.44 2.18 21.23
C GLY A 155 -4.07 1.61 21.54
N ASP A 156 -3.55 0.79 20.64
CA ASP A 156 -2.23 0.18 20.86
C ASP A 156 -1.22 0.54 19.78
N ALA A 157 -1.24 1.81 19.35
CA ALA A 157 -0.33 2.28 18.33
C ALA A 157 1.10 2.23 18.87
N GLY A 158 2.08 2.20 17.97
CA GLY A 158 3.48 2.14 18.36
C GLY A 158 4.27 1.23 17.44
N PHE A 159 5.49 1.63 17.07
CA PHE A 159 6.32 0.82 16.18
C PHE A 159 6.52 -0.61 16.68
N GLU A 160 6.50 -0.77 18.00
CA GLU A 160 6.65 -2.07 18.62
C GLU A 160 5.77 -3.12 17.90
N ARG A 161 4.71 -2.65 17.27
CA ARG A 161 3.79 -3.52 16.54
C ARG A 161 4.45 -4.30 15.42
N TYR A 162 5.47 -3.71 14.78
CA TYR A 162 6.18 -4.36 13.67
C TYR A 162 6.72 -5.70 14.12
N ASP A 163 7.10 -5.78 15.39
CA ASP A 163 7.66 -7.01 15.91
C ASP A 163 6.68 -8.17 15.85
N THR A 164 5.44 -7.93 16.25
CA THR A 164 4.40 -8.96 16.20
C THR A 164 4.16 -9.33 14.75
N PHE A 165 4.15 -8.32 13.89
CA PHE A 165 3.91 -8.48 12.47
C PHE A 165 4.85 -9.46 11.77
N PHE A 166 6.16 -9.21 11.85
CA PHE A 166 7.14 -10.06 11.18
C PHE A 166 7.30 -11.45 11.80
N LYS A 167 6.88 -11.60 13.05
CA LYS A 167 6.96 -12.88 13.74
C LYS A 167 5.74 -13.70 13.31
N LYS A 168 4.57 -13.10 13.43
CA LYS A 168 3.32 -13.72 13.05
C LYS A 168 3.42 -14.36 11.67
N PHE A 169 3.80 -13.56 10.68
CA PHE A 169 3.88 -14.07 9.32
C PHE A 169 5.12 -14.88 8.99
N TYR A 170 6.07 -14.93 9.92
CA TYR A 170 7.24 -15.75 9.71
C TYR A 170 6.76 -17.17 10.05
N ASN A 171 5.94 -17.27 11.09
CA ASN A 171 5.39 -18.55 11.53
C ASN A 171 4.24 -19.05 10.65
N LEU A 172 3.59 -18.17 9.90
CA LEU A 172 2.49 -18.61 9.05
C LEU A 172 2.93 -19.02 7.64
N THR A 173 4.24 -19.02 7.39
CA THR A 173 4.75 -19.39 6.07
C THR A 173 5.79 -20.52 6.12
N PRO A 174 5.93 -21.26 5.01
CA PRO A 174 6.87 -22.39 4.86
C PRO A 174 8.35 -21.99 4.95
N ASP A 175 9.23 -22.99 4.93
CA ASP A 175 10.67 -22.76 5.00
C ASP A 175 11.12 -21.95 3.79
N ASP A 176 10.41 -22.12 2.67
CA ASP A 176 10.75 -21.38 1.46
C ASP A 176 9.81 -20.16 1.40
N GLY A 177 9.42 -19.69 2.58
CA GLY A 177 8.51 -18.55 2.66
C GLY A 177 9.11 -17.25 2.17
N ARG A 178 8.30 -16.46 1.48
CA ARG A 178 8.73 -15.16 0.97
C ARG A 178 7.68 -14.08 1.17
N MET A 179 8.13 -12.86 1.47
CA MET A 179 7.23 -11.73 1.66
C MET A 179 7.71 -10.52 0.88
N LEU A 180 6.84 -9.93 0.08
CA LEU A 180 7.22 -8.74 -0.65
C LEU A 180 6.59 -7.57 0.08
N LEU A 181 7.43 -6.82 0.81
CA LEU A 181 6.96 -5.67 1.57
C LEU A 181 7.21 -4.39 0.78
N HIS A 182 6.12 -3.74 0.36
CA HIS A 182 6.19 -2.50 -0.41
C HIS A 182 5.62 -1.39 0.48
N THR A 183 6.46 -0.44 0.86
CA THR A 183 6.02 0.66 1.73
C THR A 183 6.77 1.95 1.48
N ILE A 184 6.19 3.06 1.93
CA ILE A 184 6.82 4.37 1.81
C ILE A 184 7.81 4.39 2.96
N THR A 185 8.88 5.17 2.84
CA THR A 185 9.87 5.24 3.91
C THR A 185 10.46 6.63 4.09
N ILE A 186 11.00 6.89 5.27
CA ILE A 186 11.64 8.18 5.52
C ILE A 186 13.13 7.90 5.73
N PRO A 187 13.99 8.87 5.38
CA PRO A 187 15.45 8.79 5.49
C PRO A 187 15.98 8.42 6.86
N ASP A 188 17.06 7.65 6.87
CA ASP A 188 17.68 7.27 8.13
C ASP A 188 18.40 8.50 8.64
N LYS A 189 18.50 8.60 9.95
CA LYS A 189 19.15 9.71 10.64
C LYS A 189 20.33 10.30 9.84
N GLU A 190 21.16 9.42 9.30
CA GLU A 190 22.33 9.82 8.51
C GLU A 190 21.95 10.26 7.10
N GLU A 191 21.48 9.30 6.31
CA GLU A 191 21.07 9.51 4.93
C GLU A 191 20.22 10.77 4.72
N ALA A 192 19.66 11.30 5.81
CA ALA A 192 18.83 12.50 5.76
C ALA A 192 19.68 13.77 5.73
N GLN A 193 20.73 13.77 6.55
CA GLN A 193 21.63 14.92 6.64
C GLN A 193 22.46 15.05 5.38
N GLU A 194 22.76 13.92 4.74
CA GLU A 194 23.56 13.96 3.52
C GLU A 194 22.71 14.55 2.40
N LEU A 195 21.40 14.29 2.44
CA LEU A 195 20.48 14.83 1.44
C LEU A 195 20.25 16.33 1.67
N GLY A 196 20.55 16.79 2.88
CA GLY A 196 20.36 18.18 3.23
C GLY A 196 18.88 18.53 3.26
N LEU A 197 18.11 17.70 3.95
CA LEU A 197 16.68 17.91 4.06
C LEU A 197 16.32 18.93 5.13
N THR A 198 15.65 20.00 4.71
CA THR A 198 15.23 21.06 5.61
C THR A 198 13.73 20.89 5.91
N SER A 199 13.26 21.53 6.96
CA SER A 199 11.85 21.45 7.35
C SER A 199 11.21 22.83 7.49
N PRO A 200 10.88 23.48 6.35
CA PRO A 200 10.26 24.81 6.35
C PRO A 200 8.94 24.76 7.12
N MET A 201 8.44 25.94 7.50
CA MET A 201 7.19 26.02 8.22
C MET A 201 6.06 25.45 7.35
N SER A 202 6.17 25.64 6.04
CA SER A 202 5.15 25.15 5.12
C SER A 202 5.11 23.63 5.09
N LEU A 203 6.27 23.00 5.15
CA LEU A 203 6.32 21.54 5.17
C LEU A 203 5.64 20.99 6.42
N LEU A 204 5.94 21.59 7.58
CA LEU A 204 5.34 21.15 8.83
C LEU A 204 3.81 21.30 8.77
N ARG A 205 3.34 22.37 8.16
CA ARG A 205 1.90 22.60 8.04
C ARG A 205 1.25 21.51 7.18
N PHE A 206 1.93 21.13 6.09
CA PHE A 206 1.41 20.10 5.20
C PHE A 206 1.28 18.74 5.88
N ILE A 207 2.34 18.34 6.60
CA ILE A 207 2.34 17.08 7.32
C ILE A 207 1.17 17.10 8.29
N LYS A 208 1.01 18.20 9.00
CA LYS A 208 -0.08 18.36 9.95
C LYS A 208 -1.40 18.10 9.19
N PHE A 209 -1.55 18.75 8.04
CA PHE A 209 -2.71 18.60 7.18
C PHE A 209 -2.94 17.14 6.79
N ILE A 210 -1.87 16.44 6.43
CA ILE A 210 -1.98 15.04 6.04
C ILE A 210 -2.41 14.12 7.19
N LEU A 211 -1.80 14.30 8.35
CA LEU A 211 -2.11 13.48 9.51
C LEU A 211 -3.45 13.80 10.13
N THR A 212 -4.06 14.90 9.70
CA THR A 212 -5.36 15.26 10.25
C THR A 212 -6.51 14.99 9.30
N GLU A 213 -6.35 15.36 8.03
CA GLU A 213 -7.42 15.18 7.05
C GLU A 213 -7.29 13.98 6.11
N ILE A 214 -6.08 13.49 5.89
CA ILE A 214 -5.92 12.39 4.95
C ILE A 214 -5.67 11.02 5.57
N PHE A 215 -4.55 10.86 6.28
CA PHE A 215 -4.20 9.58 6.89
C PHE A 215 -3.99 9.64 8.41
N PRO A 216 -5.08 9.68 9.18
CA PRO A 216 -4.91 9.71 10.64
C PRO A 216 -4.21 8.45 11.13
N GLY A 217 -3.18 8.63 11.96
CA GLY A 217 -2.45 7.51 12.51
C GLY A 217 -1.36 6.92 11.64
N GLY A 218 -1.13 7.50 10.47
CA GLY A 218 -0.10 6.94 9.61
C GLY A 218 1.30 7.15 10.16
N ARG A 219 2.13 6.12 10.05
CA ARG A 219 3.51 6.20 10.52
C ARG A 219 4.44 5.61 9.46
N LEU A 220 5.45 6.37 9.06
CA LEU A 220 6.40 5.93 8.05
C LEU A 220 7.66 5.34 8.68
N PRO A 221 8.06 4.14 8.25
CA PRO A 221 9.26 3.50 8.79
C PRO A 221 10.57 3.90 8.10
N ARG A 222 11.70 3.71 8.78
CA ARG A 222 13.00 3.99 8.21
C ARG A 222 13.44 2.62 7.76
N ILE A 223 14.42 2.53 6.86
CA ILE A 223 14.84 1.22 6.44
C ILE A 223 15.43 0.45 7.62
N SER A 224 16.17 1.14 8.47
CA SER A 224 16.76 0.48 9.65
C SER A 224 15.69 -0.14 10.56
N GLN A 225 14.50 0.43 10.58
CA GLN A 225 13.42 -0.12 11.40
C GLN A 225 12.93 -1.44 10.80
N VAL A 226 12.73 -1.48 9.49
CA VAL A 226 12.28 -2.70 8.82
C VAL A 226 13.31 -3.80 9.02
N ASP A 227 14.59 -3.44 8.97
CA ASP A 227 15.65 -4.42 9.16
C ASP A 227 15.63 -5.00 10.56
N TYR A 228 15.62 -4.13 11.55
CA TYR A 228 15.61 -4.56 12.94
C TYR A 228 14.49 -5.54 13.26
N TYR A 229 13.24 -5.09 13.10
CA TYR A 229 12.09 -5.92 13.39
C TYR A 229 11.91 -7.15 12.51
N SER A 230 12.24 -7.06 11.23
CA SER A 230 12.07 -8.21 10.35
C SER A 230 13.14 -9.25 10.65
N SER A 231 14.36 -8.79 10.87
CA SER A 231 15.47 -9.70 11.17
C SER A 231 15.23 -10.33 12.53
N ASN A 232 14.77 -9.54 13.49
CA ASN A 232 14.51 -10.05 14.82
C ASN A 232 13.62 -11.31 14.76
N ALA A 233 12.81 -11.42 13.72
CA ALA A 233 11.93 -12.58 13.57
C ALA A 233 12.63 -13.68 12.80
N GLY A 234 13.73 -13.34 12.14
CA GLY A 234 14.47 -14.33 11.37
C GLY A 234 14.49 -14.08 9.88
N TRP A 235 13.86 -13.00 9.44
CA TRP A 235 13.83 -12.68 8.01
C TRP A 235 15.16 -12.07 7.57
N LYS A 236 15.46 -12.25 6.29
CA LYS A 236 16.67 -11.70 5.68
C LYS A 236 16.19 -10.98 4.43
N VAL A 237 16.68 -9.76 4.22
CA VAL A 237 16.30 -8.98 3.04
C VAL A 237 17.16 -9.44 1.86
N GLU A 238 16.55 -10.09 0.89
CA GLU A 238 17.27 -10.57 -0.27
C GLU A 238 17.48 -9.44 -1.27
N ARG A 239 16.65 -8.41 -1.18
CA ARG A 239 16.79 -7.26 -2.06
C ARG A 239 16.04 -6.00 -1.61
N TYR A 240 16.72 -4.86 -1.67
CA TYR A 240 16.09 -3.58 -1.35
C TYR A 240 15.93 -2.92 -2.70
N HIS A 241 14.69 -2.67 -3.10
CA HIS A 241 14.45 -2.05 -4.39
C HIS A 241 13.74 -0.71 -4.19
N ARG A 242 14.53 0.36 -4.11
CA ARG A 242 13.98 1.69 -3.92
C ARG A 242 13.42 2.24 -5.24
N ILE A 243 12.20 2.76 -5.20
CA ILE A 243 11.54 3.25 -6.40
C ILE A 243 10.65 4.46 -6.15
N GLY A 244 10.96 5.21 -5.09
CA GLY A 244 10.15 6.38 -4.75
C GLY A 244 9.99 7.44 -5.81
N ALA A 245 10.98 7.60 -6.68
CA ALA A 245 10.91 8.60 -7.75
C ALA A 245 9.69 8.37 -8.64
N ASN A 246 9.24 7.12 -8.69
CA ASN A 246 8.08 6.74 -9.50
C ASN A 246 6.79 7.34 -8.99
N TYR A 247 6.78 7.75 -7.72
CA TYR A 247 5.59 8.30 -7.09
C TYR A 247 5.21 9.68 -7.60
N VAL A 248 6.17 10.36 -8.24
CA VAL A 248 5.90 11.70 -8.76
C VAL A 248 4.94 11.60 -9.95
N PRO A 249 5.25 10.73 -10.93
CA PRO A 249 4.34 10.60 -12.09
C PRO A 249 2.97 10.11 -11.60
N THR A 250 3.00 9.13 -10.70
CA THR A 250 1.80 8.56 -10.12
C THR A 250 0.92 9.65 -9.49
N LEU A 251 1.43 10.32 -8.46
CA LEU A 251 0.66 11.36 -7.79
C LEU A 251 0.23 12.47 -8.73
N ASN A 252 1.03 12.73 -9.76
CA ASN A 252 0.71 13.78 -10.71
C ASN A 252 -0.45 13.32 -11.58
N ALA A 253 -0.39 12.07 -12.01
CA ALA A 253 -1.45 11.50 -12.82
C ALA A 253 -2.75 11.55 -12.00
N TRP A 254 -2.69 11.17 -10.73
CA TRP A 254 -3.90 11.19 -9.90
C TRP A 254 -4.47 12.59 -9.75
N ALA A 255 -3.61 13.56 -9.45
CA ALA A 255 -4.07 14.93 -9.27
C ALA A 255 -4.65 15.48 -10.57
N ASP A 256 -3.98 15.19 -11.68
CA ASP A 256 -4.49 15.67 -12.97
C ASP A 256 -5.86 15.10 -13.27
N ALA A 257 -5.98 13.77 -13.16
CA ALA A 257 -7.25 13.08 -13.40
C ALA A 257 -8.36 13.69 -12.54
N LEU A 258 -8.02 14.08 -11.32
CA LEU A 258 -9.00 14.66 -10.43
C LEU A 258 -9.40 16.07 -10.92
N GLN A 259 -8.43 16.82 -11.42
CA GLN A 259 -8.69 18.16 -11.92
C GLN A 259 -9.63 18.02 -13.11
N ALA A 260 -9.33 17.04 -13.96
CA ALA A 260 -10.13 16.75 -15.14
C ALA A 260 -11.61 16.56 -14.79
N HIS A 261 -11.89 15.66 -13.86
CA HIS A 261 -13.26 15.38 -13.46
C HIS A 261 -13.72 16.21 -12.25
N LYS A 262 -13.10 17.36 -12.06
CA LYS A 262 -13.41 18.23 -10.93
C LYS A 262 -14.92 18.46 -10.73
N ASP A 263 -15.61 18.82 -11.80
CA ASP A 263 -17.05 19.08 -11.72
C ASP A 263 -17.81 17.85 -11.25
N GLU A 264 -17.45 16.71 -11.82
CA GLU A 264 -18.08 15.46 -11.48
C GLU A 264 -17.82 15.13 -10.01
N ALA A 265 -16.57 15.29 -9.59
CA ALA A 265 -16.16 15.02 -8.22
C ALA A 265 -16.81 15.99 -7.23
N ILE A 266 -16.91 17.27 -7.59
CA ILE A 266 -17.53 18.25 -6.70
C ILE A 266 -19.00 17.86 -6.51
N ALA A 267 -19.55 17.21 -7.53
CA ALA A 267 -20.93 16.75 -7.49
C ALA A 267 -21.06 15.73 -6.38
N LEU A 268 -20.30 14.64 -6.50
CA LEU A 268 -20.32 13.56 -5.52
C LEU A 268 -20.03 13.97 -4.09
N LYS A 269 -18.80 14.42 -3.85
CA LYS A 269 -18.35 14.77 -2.49
C LYS A 269 -18.30 16.23 -2.06
N GLY A 270 -18.66 17.16 -2.95
CA GLY A 270 -18.63 18.56 -2.56
C GLY A 270 -17.36 19.30 -2.97
N GLN A 271 -17.34 20.59 -2.68
CA GLN A 271 -16.21 21.46 -3.02
C GLN A 271 -15.02 21.27 -2.10
N GLU A 272 -15.28 21.26 -0.79
CA GLU A 272 -14.23 21.11 0.20
C GLU A 272 -13.41 19.85 0.00
N THR A 273 -14.08 18.70 0.03
CA THR A 273 -13.40 17.42 -0.15
C THR A 273 -12.48 17.41 -1.35
N CYS A 274 -12.89 18.08 -2.43
CA CYS A 274 -12.06 18.11 -3.63
C CYS A 274 -10.85 19.03 -3.49
N ASP A 275 -11.00 20.11 -2.74
CA ASP A 275 -9.87 21.02 -2.53
C ASP A 275 -8.85 20.31 -1.67
N ILE A 276 -9.36 19.64 -0.63
CA ILE A 276 -8.52 18.89 0.29
C ILE A 276 -7.68 17.86 -0.45
N TYR A 277 -8.34 17.05 -1.29
CA TYR A 277 -7.65 16.01 -2.04
C TYR A 277 -6.65 16.48 -3.08
N MET A 278 -6.94 17.59 -3.76
CA MET A 278 -6.02 18.13 -4.75
C MET A 278 -4.77 18.58 -3.99
N HIS A 279 -4.99 19.29 -2.89
CA HIS A 279 -3.92 19.80 -2.05
C HIS A 279 -3.02 18.65 -1.59
N TYR A 280 -3.66 17.57 -1.17
CA TYR A 280 -2.96 16.39 -0.70
C TYR A 280 -2.19 15.69 -1.82
N LEU A 281 -2.82 15.48 -2.97
CA LEU A 281 -2.15 14.81 -4.09
C LEU A 281 -0.97 15.61 -4.64
N ARG A 282 -1.16 16.93 -4.77
CA ARG A 282 -0.12 17.82 -5.27
C ARG A 282 1.04 17.91 -4.29
N GLY A 283 0.72 18.18 -3.03
CA GLY A 283 1.73 18.31 -2.01
C GLY A 283 2.62 17.09 -1.84
N CYS A 284 2.02 15.91 -1.83
CA CYS A 284 2.78 14.67 -1.66
C CYS A 284 3.77 14.38 -2.80
N SER A 285 3.43 14.79 -4.03
CA SER A 285 4.28 14.55 -5.18
C SER A 285 5.67 15.14 -4.96
N ASP A 286 5.71 16.42 -4.57
CA ASP A 286 6.95 17.12 -4.31
C ASP A 286 7.79 16.46 -3.21
N LEU A 287 7.13 15.80 -2.26
CA LEU A 287 7.87 15.16 -1.19
C LEU A 287 8.77 14.07 -1.74
N PHE A 288 8.26 13.30 -2.70
CA PHE A 288 9.03 12.21 -3.30
C PHE A 288 10.03 12.72 -4.32
N ARG A 289 9.70 13.84 -4.96
CA ARG A 289 10.59 14.42 -5.93
C ARG A 289 11.78 14.96 -5.14
N ASP A 290 11.48 15.67 -4.06
CA ASP A 290 12.50 16.30 -3.21
C ASP A 290 13.22 15.35 -2.26
N LYS A 291 13.00 14.06 -2.40
CA LYS A 291 13.66 13.06 -1.57
C LYS A 291 13.34 13.10 -0.07
N TYR A 292 12.28 13.81 0.29
CA TYR A 292 11.90 13.86 1.69
C TYR A 292 11.37 12.48 2.10
N THR A 293 10.73 11.80 1.14
CA THR A 293 10.19 10.45 1.35
C THR A 293 10.62 9.55 0.19
N ASP A 294 10.54 8.24 0.38
CA ASP A 294 10.91 7.29 -0.66
C ASP A 294 9.98 6.07 -0.61
N VAL A 295 10.19 5.15 -1.55
CA VAL A 295 9.40 3.92 -1.61
C VAL A 295 10.36 2.75 -1.78
N CYS A 296 10.18 1.70 -1.00
CA CYS A 296 11.04 0.54 -1.12
C CYS A 296 10.31 -0.80 -1.09
N GLN A 297 10.74 -1.73 -1.94
CA GLN A 297 10.14 -3.05 -1.99
C GLN A 297 11.14 -4.05 -1.41
N PHE A 298 10.92 -4.42 -0.15
CA PHE A 298 11.78 -5.36 0.54
C PHE A 298 11.40 -6.78 0.14
N THR A 299 12.35 -7.52 -0.43
CA THR A 299 12.10 -8.92 -0.78
C THR A 299 12.65 -9.69 0.41
N LEU A 300 11.75 -10.12 1.30
CA LEU A 300 12.11 -10.85 2.50
C LEU A 300 12.05 -12.36 2.34
N VAL A 301 13.16 -13.02 2.63
CA VAL A 301 13.23 -14.48 2.53
C VAL A 301 13.80 -15.06 3.81
N LYS A 302 13.73 -16.39 3.93
CA LYS A 302 14.26 -17.09 5.09
C LYS A 302 15.57 -17.79 4.71
C CO3 B . 3.13 3.15 -1.36
O1 CO3 B . 3.27 2.72 -2.79
O2 CO3 B . 2.39 4.24 -1.07
O3 CO3 B . 3.77 2.43 -0.37
S SO4 C . -18.37 -0.45 -6.74
O1 SO4 C . -18.55 -1.07 -8.07
O2 SO4 C . -19.52 0.42 -6.41
O3 SO4 C . -18.26 -1.52 -5.72
O4 SO4 C . -17.15 0.36 -6.75
S SO4 D . 3.70 -10.83 -18.08
O1 SO4 D . 2.90 -11.32 -19.23
O2 SO4 D . 2.80 -10.48 -16.96
O3 SO4 D . 4.64 -11.88 -17.64
O4 SO4 D . 4.45 -9.62 -18.50
S SO4 E . -2.12 11.06 14.24
O1 SO4 E . -2.31 11.29 12.79
O2 SO4 E . -3.43 11.13 14.92
O3 SO4 E . -1.53 9.72 14.45
O4 SO4 E . -1.21 12.08 14.79
S SO4 F . -17.46 11.76 4.10
O1 SO4 F . -17.28 10.63 3.16
O2 SO4 F . -18.80 11.69 4.71
O3 SO4 F . -16.42 11.69 5.15
O4 SO4 F . -17.32 13.03 3.35
N SAH G . -2.54 -2.65 -1.62
CA SAH G . -3.63 -1.93 -2.30
CB SAH G . -4.29 -0.86 -1.40
CG SAH G . -3.39 0.02 -0.50
SD SAH G . -4.32 1.23 0.46
C SAH G . -3.14 -1.26 -3.59
O SAH G . -1.91 -1.27 -3.82
OXT SAH G . -3.99 -0.75 -4.36
C5' SAH G . -4.04 0.63 2.16
C4' SAH G . -4.77 -0.69 2.41
O4' SAH G . -4.33 -1.40 3.60
C3' SAH G . -6.29 -0.53 2.55
O3' SAH G . -6.97 -1.49 1.70
C2' SAH G . -6.55 -0.76 4.02
O2' SAH G . -7.88 -1.27 4.24
C1' SAH G . -5.48 -1.74 4.39
N9 SAH G . -5.14 -1.76 5.83
C8 SAH G . -4.81 -0.75 6.69
N7 SAH G . -4.56 -1.09 7.92
C5 SAH G . -4.73 -2.46 7.89
C6 SAH G . -4.61 -3.57 8.96
N6 SAH G . -4.26 -3.33 10.24
N1 SAH G . -4.88 -4.85 8.54
C2 SAH G . -5.23 -5.07 7.25
N3 SAH G . -5.37 -4.19 6.22
C4 SAH G . -5.11 -2.89 6.62
C1 10A H . 4.23 11.87 7.84
C2 10A H . 2.87 11.20 8.10
C3 10A H . 2.68 10.11 7.05
C4 10A H . 1.36 9.32 7.14
C5 10A H . 1.45 8.34 5.96
C6 10A H . 0.20 7.48 5.77
C7 10A H . 0.48 6.73 4.46
C8 10A H . -0.74 5.98 3.93
C9 10A H . -0.29 5.49 2.55
C10 10A H . -1.49 4.99 1.76
N1 10A H . -1.40 4.71 0.25
C11 10A H . -2.81 4.37 -0.17
C12 10A H . -0.54 3.50 -0.03
C13 10A H . -0.83 5.79 -0.67
C14 10A H . -1.39 7.25 -0.77
C15 10A H . -0.54 8.16 -1.68
C16 10A H . 0.87 8.56 -1.15
C17 10A H . 0.85 9.48 0.09
C18 10A H . 2.27 9.77 0.57
C19 10A H . 2.21 10.69 1.78
C20 10A H . 3.62 11.00 2.28
C21 10A H . 3.52 11.97 3.44
C22 10A H . 4.93 12.27 3.99
#